data_1L0S
#
_entry.id   1L0S
#
_cell.length_a   128.400
_cell.length_b   128.400
_cell.length_c   68.320
_cell.angle_alpha   90.00
_cell.angle_beta   90.00
_cell.angle_gamma   120.00
#
_symmetry.space_group_name_H-M   'P 65'
#
loop_
_entity.id
_entity.type
_entity.pdbx_description
1 polymer 'thermal hysteresis protein'
2 non-polymer 'CADMIUM ION'
3 water water
#
_entity_poly.entity_id   1
_entity_poly.type   'polypeptide(L)'
_entity_poly.pdbx_seq_one_letter_code
;DGSCTNTNSQLSANSKCEKSTLTNC(TYI)VDKSEVFGTTCTGSRFDGVTITTSTSTGSRISGPGCKISTCIITGGVPAP
SAACKISGCTFSAN
;
_entity_poly.pdbx_strand_id   A,B,C,D
#
loop_
_chem_comp.id
_chem_comp.type
_chem_comp.name
_chem_comp.formula
CD non-polymer 'CADMIUM ION' 'Cd 2'
#
# COMPACT_ATOMS: atom_id res chain seq x y z
N SER A 3 8.35 -21.12 3.67
CA SER A 3 6.98 -21.69 3.85
C SER A 3 5.92 -20.66 3.48
N CYS A 4 6.33 -19.67 2.70
CA CYS A 4 5.41 -18.63 2.27
C CYS A 4 5.14 -18.80 0.78
N THR A 5 3.89 -19.08 0.42
CA THR A 5 3.54 -19.25 -0.99
C THR A 5 3.19 -17.88 -1.55
N ASN A 6 4.05 -17.36 -2.42
CA ASN A 6 3.83 -16.04 -2.99
C ASN A 6 3.61 -15.98 -4.48
N THR A 7 2.43 -15.49 -4.87
CA THR A 7 2.06 -15.34 -6.27
C THR A 7 1.72 -13.86 -6.49
N ASN A 8 2.56 -13.16 -7.24
CA ASN A 8 2.33 -11.74 -7.52
C ASN A 8 2.08 -10.92 -6.26
N SER A 9 2.86 -11.17 -5.21
CA SER A 9 2.69 -10.42 -3.98
C SER A 9 4.00 -9.76 -3.57
N GLN A 10 3.89 -8.69 -2.80
CA GLN A 10 5.07 -7.97 -2.33
C GLN A 10 4.94 -7.65 -0.86
N LEU A 11 5.99 -7.95 -0.11
CA LEU A 11 6.00 -7.68 1.33
C LEU A 11 7.12 -6.73 1.69
N SER A 12 6.90 -5.96 2.75
CA SER A 12 7.92 -5.02 3.22
C SER A 12 9.06 -5.86 3.77
N ALA A 13 10.29 -5.44 3.49
CA ALA A 13 11.48 -6.15 3.94
C ALA A 13 11.39 -6.51 5.44
N ASN A 14 10.59 -5.74 6.18
CA ASN A 14 10.42 -5.95 7.60
C ASN A 14 9.29 -6.92 7.99
N SER A 15 8.46 -7.31 7.04
CA SER A 15 7.33 -8.22 7.34
C SER A 15 7.72 -9.68 7.45
N LYS A 16 6.88 -10.45 8.14
CA LYS A 16 7.10 -11.88 8.34
C LYS A 16 5.95 -12.71 7.78
N CYS A 17 6.27 -13.74 7.00
CA CYS A 17 5.26 -14.61 6.41
C CYS A 17 5.61 -16.07 6.67
N GLU A 18 4.74 -16.75 7.41
CA GLU A 18 4.96 -18.14 7.76
C GLU A 18 3.72 -19.01 7.50
N LYS A 19 3.93 -20.14 6.82
CA LYS A 19 2.87 -21.09 6.50
C LYS A 19 1.65 -20.35 5.97
N SER A 20 1.87 -19.52 4.97
CA SER A 20 0.77 -18.74 4.43
C SER A 20 0.86 -18.61 2.92
N THR A 21 -0.25 -18.17 2.34
CA THR A 21 -0.34 -17.98 0.91
C THR A 21 -0.70 -16.54 0.55
N LEU A 22 0.09 -15.93 -0.34
CA LEU A 22 -0.15 -14.54 -0.74
C LEU A 22 -0.40 -14.50 -2.24
N THR A 23 -1.58 -14.03 -2.62
CA THR A 23 -1.94 -13.95 -4.03
C THR A 23 -2.36 -12.51 -4.36
N ASN A 24 -1.52 -11.82 -5.12
CA ASN A 24 -1.83 -10.44 -5.47
C ASN A 24 -2.07 -9.67 -4.17
N CYS A 25 -1.20 -9.89 -3.20
CA CYS A 25 -1.31 -9.25 -1.88
C CYS A 25 -0.14 -8.30 -1.58
N TYI A 26 -0.40 -7.28 -0.78
CA TYI A 26 0.64 -6.33 -0.36
CB TYI A 26 0.35 -4.89 -0.84
CG TYI A 26 1.29 -3.86 -0.22
CD1 TYI A 26 2.68 -3.97 -0.34
CE1 TYI A 26 3.54 -3.06 0.29
CD2 TYI A 26 0.79 -2.81 0.55
CE2 TYI A 26 1.66 -1.90 1.18
CZ TYI A 26 3.02 -2.02 1.05
OH TYI A 26 3.83 -1.12 1.66
C TYI A 26 0.69 -6.37 1.16
O TYI A 26 -0.28 -6.00 1.84
I1 TYI A 26 5.58 -3.30 0.13
I2 TYI A 26 0.88 -0.41 2.35
N VAL A 27 1.82 -6.84 1.69
CA VAL A 27 1.99 -6.94 3.14
C VAL A 27 3.06 -5.95 3.63
N ASP A 28 2.64 -5.02 4.49
CA ASP A 28 3.57 -4.03 5.02
C ASP A 28 3.65 -4.06 6.53
N LYS A 29 4.88 -4.22 7.05
CA LYS A 29 5.08 -4.24 8.50
C LYS A 29 4.01 -5.16 9.07
N SER A 30 4.08 -6.44 8.74
CA SER A 30 3.08 -7.39 9.20
C SER A 30 3.59 -8.79 9.49
N GLU A 31 2.85 -9.48 10.34
CA GLU A 31 3.16 -10.86 10.73
C GLU A 31 1.97 -11.73 10.30
N VAL A 32 2.16 -12.51 9.24
CA VAL A 32 1.12 -13.37 8.73
C VAL A 32 1.47 -14.84 8.98
N PHE A 33 0.65 -15.51 9.79
CA PHE A 33 0.87 -16.92 10.13
C PHE A 33 -0.32 -17.81 9.73
N GLY A 34 -0.04 -18.92 9.05
CA GLY A 34 -1.07 -19.87 8.63
C GLY A 34 -2.31 -19.19 8.11
N THR A 35 -2.09 -18.26 7.20
CA THR A 35 -3.14 -17.43 6.62
C THR A 35 -3.14 -17.48 5.11
N THR A 36 -4.30 -17.20 4.54
CA THR A 36 -4.44 -17.19 3.10
C THR A 36 -4.79 -15.76 2.73
N CYS A 37 -3.94 -15.16 1.89
CA CYS A 37 -4.15 -13.79 1.47
C CYS A 37 -4.45 -13.72 -0.02
N THR A 38 -5.56 -13.06 -0.36
CA THR A 38 -5.94 -12.90 -1.76
C THR A 38 -6.34 -11.45 -2.04
N GLY A 39 -5.58 -10.80 -2.92
CA GLY A 39 -5.86 -9.43 -3.30
C GLY A 39 -6.18 -8.52 -2.13
N SER A 40 -5.39 -8.59 -1.07
CA SER A 40 -5.61 -7.76 0.11
C SER A 40 -4.35 -6.95 0.46
N ARG A 41 -4.54 -5.98 1.34
CA ARG A 41 -3.43 -5.15 1.77
C ARG A 41 -3.25 -5.22 3.27
N PHE A 42 -2.07 -5.66 3.72
CA PHE A 42 -1.81 -5.73 5.15
C PHE A 42 -0.86 -4.62 5.55
N ASP A 43 -1.34 -3.73 6.41
CA ASP A 43 -0.53 -2.61 6.87
C ASP A 43 -0.46 -2.56 8.40
N GLY A 44 0.66 -3.03 8.95
CA GLY A 44 0.83 -3.02 10.39
C GLY A 44 -0.18 -3.94 11.06
N VAL A 45 -0.13 -5.20 10.71
CA VAL A 45 -1.05 -6.16 11.29
C VAL A 45 -0.38 -7.48 11.60
N THR A 46 -0.96 -8.20 12.55
CA THR A 46 -0.49 -9.51 12.97
C THR A 46 -1.74 -10.38 12.79
N ILE A 47 -1.76 -11.18 11.72
CA ILE A 47 -2.91 -12.02 11.41
C ILE A 47 -2.57 -13.50 11.45
N THR A 48 -3.38 -14.24 12.21
CA THR A 48 -3.14 -15.67 12.38
C THR A 48 -4.32 -16.54 12.03
N THR A 49 -4.05 -17.63 11.31
CA THR A 49 -5.07 -18.61 10.92
C THR A 49 -6.32 -17.92 10.37
N SER A 50 -6.11 -17.08 9.36
CA SER A 50 -7.22 -16.36 8.79
C SER A 50 -7.17 -16.37 7.29
N THR A 51 -8.20 -15.76 6.71
CA THR A 51 -8.29 -15.64 5.28
C THR A 51 -8.72 -14.21 4.98
N SER A 52 -8.00 -13.56 4.07
CA SER A 52 -8.33 -12.20 3.70
C SER A 52 -8.55 -12.15 2.20
N THR A 53 -9.72 -11.65 1.80
CA THR A 53 -10.03 -11.55 0.38
C THR A 53 -10.43 -10.13 0.01
N GLY A 54 -9.67 -9.55 -0.93
CA GLY A 54 -9.93 -8.20 -1.40
C GLY A 54 -10.18 -7.23 -0.26
N SER A 55 -9.35 -7.28 0.76
CA SER A 55 -9.55 -6.40 1.88
C SER A 55 -8.29 -5.63 2.24
N ARG A 56 -8.50 -4.47 2.88
CA ARG A 56 -7.41 -3.63 3.34
C ARG A 56 -7.57 -3.64 4.85
N ILE A 57 -6.54 -4.07 5.55
CA ILE A 57 -6.60 -4.11 7.01
C ILE A 57 -5.38 -3.38 7.57
N SER A 58 -5.65 -2.41 8.46
CA SER A 58 -4.59 -1.60 9.03
C SER A 58 -4.58 -1.53 10.55
N GLY A 59 -3.37 -1.34 11.09
CA GLY A 59 -3.20 -1.22 12.53
C GLY A 59 -2.91 0.21 12.95
N PRO A 60 -1.66 0.52 13.37
CA PRO A 60 -0.51 -0.37 13.48
C PRO A 60 -0.57 -1.41 14.60
N GLY A 61 -1.57 -1.29 15.47
CA GLY A 61 -1.70 -2.25 16.55
C GLY A 61 -2.77 -3.29 16.26
N CYS A 62 -2.98 -3.58 14.97
CA CYS A 62 -3.99 -4.53 14.54
C CYS A 62 -3.60 -6.00 14.74
N LYS A 63 -4.47 -6.73 15.43
CA LYS A 63 -4.26 -8.15 15.72
C LYS A 63 -5.49 -8.95 15.31
N ILE A 64 -5.28 -9.95 14.44
CA ILE A 64 -6.38 -10.79 13.98
C ILE A 64 -6.11 -12.27 14.21
N SER A 65 -7.11 -12.98 14.71
CA SER A 65 -6.98 -14.40 15.00
C SER A 65 -8.18 -15.20 14.52
N THR A 66 -7.91 -16.19 13.67
CA THR A 66 -8.93 -17.06 13.11
C THR A 66 -10.23 -16.36 12.67
N CYS A 67 -10.09 -15.59 11.59
CA CYS A 67 -11.20 -14.83 11.00
C CYS A 67 -11.18 -14.97 9.50
N ILE A 68 -12.30 -14.62 8.88
CA ILE A 68 -12.37 -14.64 7.43
C ILE A 68 -12.76 -13.21 7.10
N ILE A 69 -11.94 -12.53 6.31
CA ILE A 69 -12.22 -11.14 5.95
C ILE A 69 -12.43 -11.02 4.44
N THR A 70 -13.59 -10.49 4.06
CA THR A 70 -13.91 -10.33 2.64
C THR A 70 -14.41 -8.91 2.34
N GLY A 71 -13.79 -8.27 1.34
CA GLY A 71 -14.19 -6.94 0.96
C GLY A 71 -14.28 -5.98 2.13
N GLY A 72 -13.38 -6.14 3.09
CA GLY A 72 -13.36 -5.27 4.25
C GLY A 72 -14.26 -5.68 5.40
N VAL A 73 -15.19 -6.60 5.17
CA VAL A 73 -16.08 -7.01 6.25
C VAL A 73 -15.72 -8.38 6.84
N PRO A 74 -15.48 -8.42 8.16
CA PRO A 74 -15.14 -9.64 8.89
C PRO A 74 -16.40 -10.47 9.14
N ALA A 75 -16.35 -11.74 8.76
CA ALA A 75 -17.52 -12.60 8.96
C ALA A 75 -17.77 -12.89 10.43
N PRO A 76 -19.05 -12.90 10.84
CA PRO A 76 -19.40 -13.18 12.24
C PRO A 76 -18.89 -14.58 12.58
N SER A 77 -18.04 -14.68 13.61
CA SER A 77 -17.48 -15.97 14.01
C SER A 77 -17.07 -15.96 15.48
N ALA A 78 -17.53 -16.96 16.22
CA ALA A 78 -17.20 -17.05 17.64
C ALA A 78 -15.71 -17.27 17.83
N ALA A 79 -15.04 -17.76 16.79
CA ALA A 79 -13.61 -18.01 16.88
C ALA A 79 -12.78 -16.84 16.34
N CYS A 80 -13.46 -15.88 15.73
CA CYS A 80 -12.79 -14.71 15.17
C CYS A 80 -12.53 -13.61 16.21
N LYS A 81 -11.26 -13.39 16.51
CA LYS A 81 -10.87 -12.37 17.49
C LYS A 81 -10.15 -11.22 16.81
N ILE A 82 -10.70 -10.02 16.94
CA ILE A 82 -10.11 -8.83 16.34
C ILE A 82 -9.86 -7.74 17.37
N SER A 83 -8.74 -7.06 17.25
CA SER A 83 -8.39 -5.99 18.18
C SER A 83 -7.55 -4.89 17.53
N GLY A 84 -8.00 -3.65 17.69
CA GLY A 84 -7.28 -2.51 17.16
C GLY A 84 -7.04 -2.52 15.65
N CYS A 85 -8.05 -2.92 14.92
CA CYS A 85 -7.94 -2.99 13.47
C CYS A 85 -8.93 -2.09 12.78
N THR A 86 -8.55 -1.67 11.58
CA THR A 86 -9.42 -0.84 10.76
C THR A 86 -9.42 -1.52 9.41
N PHE A 87 -10.62 -1.85 8.92
CA PHE A 87 -10.75 -2.54 7.66
C PHE A 87 -11.39 -1.69 6.58
N SER A 88 -11.20 -2.12 5.34
CA SER A 88 -11.73 -1.41 4.20
C SER A 88 -11.70 -2.36 3.01
N ALA A 89 -12.49 -2.05 1.98
CA ALA A 89 -12.53 -2.87 0.79
C ALA A 89 -11.25 -2.58 0.01
N ASN A 90 -10.76 -3.56 -0.72
CA ASN A 90 -9.56 -3.36 -1.51
C ASN A 90 -9.89 -3.65 -2.96
N SER B 3 -0.76 -16.72 -12.33
CA SER B 3 -1.67 -15.64 -11.81
C SER B 3 -2.48 -16.07 -10.61
N CYS B 4 -2.85 -17.34 -10.57
CA CYS B 4 -3.62 -17.90 -9.47
C CYS B 4 -2.73 -18.82 -8.64
N THR B 5 -3.02 -18.93 -7.35
CA THR B 5 -2.24 -19.84 -6.53
C THR B 5 -3.06 -21.12 -6.48
N ASN B 6 -2.57 -22.16 -7.14
CA ASN B 6 -3.28 -23.44 -7.19
C ASN B 6 -2.69 -24.51 -6.29
N THR B 7 -3.45 -24.86 -5.24
CA THR B 7 -3.06 -25.87 -4.27
C THR B 7 -4.03 -27.06 -4.33
N ASN B 8 -3.57 -28.16 -4.93
CA ASN B 8 -4.39 -29.37 -5.09
C ASN B 8 -5.80 -29.05 -5.60
N SER B 9 -5.87 -28.25 -6.65
CA SER B 9 -7.14 -27.86 -7.23
C SER B 9 -7.18 -28.23 -8.71
N GLN B 10 -8.39 -28.38 -9.24
CA GLN B 10 -8.52 -28.72 -10.65
C GLN B 10 -9.56 -27.87 -11.34
N LEU B 11 -9.17 -27.31 -12.49
CA LEU B 11 -10.06 -26.46 -13.28
C LEU B 11 -10.40 -27.09 -14.62
N SER B 12 -11.66 -27.03 -15.02
CA SER B 12 -12.06 -27.57 -16.32
C SER B 12 -11.39 -26.73 -17.40
N ALA B 13 -11.30 -27.27 -18.61
CA ALA B 13 -10.68 -26.57 -19.73
C ALA B 13 -11.38 -25.25 -20.07
N ASN B 14 -12.68 -25.18 -19.82
CA ASN B 14 -13.45 -23.97 -20.12
C ASN B 14 -13.67 -23.09 -18.91
N SER B 15 -12.71 -23.15 -17.98
CA SER B 15 -12.76 -22.36 -16.76
C SER B 15 -11.52 -21.47 -16.71
N LYS B 16 -11.67 -20.26 -16.19
CA LYS B 16 -10.53 -19.36 -16.08
C LYS B 16 -10.42 -18.83 -14.66
N CYS B 17 -9.18 -18.82 -14.17
CA CYS B 17 -8.90 -18.33 -12.83
C CYS B 17 -8.00 -17.09 -12.94
N GLU B 18 -8.31 -16.06 -12.16
CA GLU B 18 -7.52 -14.84 -12.18
C GLU B 18 -7.30 -14.24 -10.81
N LYS B 19 -6.03 -14.05 -10.45
CA LYS B 19 -5.63 -13.46 -9.18
C LYS B 19 -6.44 -13.99 -8.02
N SER B 20 -6.58 -15.32 -7.97
CA SER B 20 -7.34 -15.95 -6.90
C SER B 20 -6.50 -17.01 -6.22
N THR B 21 -6.99 -17.49 -5.09
CA THR B 21 -6.30 -18.53 -4.35
C THR B 21 -7.22 -19.76 -4.35
N LEU B 22 -6.72 -20.84 -4.94
CA LEU B 22 -7.48 -22.09 -5.05
C LEU B 22 -6.90 -23.21 -4.18
N THR B 23 -7.65 -23.66 -3.18
CA THR B 23 -7.19 -24.72 -2.30
C THR B 23 -8.20 -25.89 -2.22
N ASN B 24 -7.81 -27.05 -2.78
CA ASN B 24 -8.69 -28.23 -2.77
C ASN B 24 -10.00 -27.81 -3.38
N CYS B 25 -9.92 -27.27 -4.58
CA CYS B 25 -11.11 -26.80 -5.26
C CYS B 25 -11.27 -27.42 -6.61
N TYI B 26 -12.53 -27.56 -6.99
CA TYI B 26 -12.89 -28.09 -8.29
CB TYI B 26 -13.74 -29.36 -8.15
CG TYI B 26 -14.31 -29.80 -9.49
CD1 TYI B 26 -13.48 -30.06 -10.57
CE1 TYI B 26 -14.01 -30.40 -11.80
CD2 TYI B 26 -15.68 -29.92 -9.66
CE2 TYI B 26 -16.22 -30.29 -10.90
CZ TYI B 26 -15.42 -30.54 -11.96
OH TYI B 26 -16.11 -30.94 -13.06
C TYI B 26 -13.70 -26.98 -8.93
O TYI B 26 -14.66 -26.50 -8.36
I1 TYI B 26 -12.69 -30.58 -13.36
I2 TYI B 26 -18.26 -30.38 -11.17
N VAL B 27 -13.29 -26.58 -10.12
CA VAL B 27 -13.96 -25.50 -10.82
C VAL B 27 -14.32 -25.93 -12.23
N ASP B 28 -15.62 -25.87 -12.53
CA ASP B 28 -16.12 -26.27 -13.82
C ASP B 28 -16.95 -25.18 -14.51
N LYS B 29 -16.70 -24.95 -15.80
CA LYS B 29 -17.42 -23.94 -16.58
C LYS B 29 -17.54 -22.65 -15.79
N SER B 30 -16.45 -22.23 -15.15
CA SER B 30 -16.50 -21.02 -14.32
C SER B 30 -15.35 -20.04 -14.50
N GLU B 31 -15.58 -18.81 -14.03
CA GLU B 31 -14.57 -17.76 -14.07
C GLU B 31 -14.44 -17.28 -12.63
N VAL B 32 -13.21 -17.36 -12.13
CA VAL B 32 -12.90 -16.98 -10.74
C VAL B 32 -11.99 -15.77 -10.73
N PHE B 33 -12.47 -14.65 -10.19
CA PHE B 33 -11.69 -13.41 -10.11
C PHE B 33 -11.46 -12.91 -8.70
N GLY B 34 -10.19 -12.70 -8.36
CA GLY B 34 -9.82 -12.21 -7.03
C GLY B 34 -10.61 -12.85 -5.92
N THR B 35 -10.65 -14.18 -5.95
CA THR B 35 -11.41 -14.91 -4.95
C THR B 35 -10.55 -15.94 -4.24
N THR B 36 -10.97 -16.30 -3.04
CA THR B 36 -10.29 -17.32 -2.25
C THR B 36 -11.19 -18.56 -2.25
N CYS B 37 -10.68 -19.64 -2.85
CA CYS B 37 -11.44 -20.89 -2.92
C CYS B 37 -10.88 -21.96 -2.01
N THR B 38 -11.69 -22.37 -1.03
CA THR B 38 -11.25 -23.39 -0.09
C THR B 38 -12.23 -24.58 0.02
N GLY B 39 -11.77 -25.75 -0.40
CA GLY B 39 -12.57 -26.96 -0.32
C GLY B 39 -13.98 -26.76 -0.82
N SER B 40 -14.10 -26.15 -1.98
CA SER B 40 -15.39 -25.83 -2.55
C SER B 40 -15.44 -26.26 -4.00
N ARG B 41 -16.66 -26.34 -4.51
CA ARG B 41 -16.92 -26.73 -5.89
C ARG B 41 -17.68 -25.59 -6.55
N PHE B 42 -17.26 -25.20 -7.75
CA PHE B 42 -17.95 -24.15 -8.48
C PHE B 42 -18.35 -24.76 -9.78
N ASP B 43 -19.62 -24.61 -10.13
CA ASP B 43 -20.11 -25.18 -11.38
C ASP B 43 -21.03 -24.18 -12.06
N GLY B 44 -20.57 -23.62 -13.16
CA GLY B 44 -21.35 -22.63 -13.91
C GLY B 44 -21.48 -21.31 -13.16
N VAL B 45 -20.39 -20.86 -12.55
CA VAL B 45 -20.42 -19.61 -11.81
C VAL B 45 -19.34 -18.60 -12.18
N THR B 46 -19.67 -17.34 -12.01
CA THR B 46 -18.74 -16.25 -12.25
C THR B 46 -18.67 -15.65 -10.85
N ILE B 47 -17.52 -15.81 -10.21
CA ILE B 47 -17.35 -15.31 -8.85
C ILE B 47 -16.21 -14.30 -8.76
N THR B 48 -16.49 -13.16 -8.11
CA THR B 48 -15.45 -12.13 -8.00
C THR B 48 -15.23 -11.62 -6.58
N THR B 49 -13.96 -11.40 -6.24
CA THR B 49 -13.59 -10.90 -4.92
C THR B 49 -14.47 -11.50 -3.84
N SER B 50 -14.53 -12.82 -3.83
CA SER B 50 -15.34 -13.53 -2.83
C SER B 50 -14.51 -14.56 -2.08
N THR B 51 -15.07 -15.05 -0.99
CA THR B 51 -14.44 -16.08 -0.18
C THR B 51 -15.38 -17.27 -0.06
N SER B 52 -14.97 -18.40 -0.62
CA SER B 52 -15.79 -19.61 -0.59
C SER B 52 -15.14 -20.76 0.20
N THR B 53 -15.76 -21.12 1.31
CA THR B 53 -15.23 -22.22 2.13
C THR B 53 -16.18 -23.40 2.16
N GLY B 54 -15.66 -24.58 1.81
CA GLY B 54 -16.45 -25.81 1.82
C GLY B 54 -17.86 -25.60 1.34
N SER B 55 -17.99 -25.07 0.13
CA SER B 55 -19.31 -24.82 -0.41
C SER B 55 -19.42 -25.29 -1.83
N ARG B 56 -20.65 -25.54 -2.25
CA ARG B 56 -20.94 -25.93 -3.62
C ARG B 56 -21.80 -24.80 -4.15
N ILE B 57 -21.37 -24.19 -5.24
CA ILE B 57 -22.08 -23.09 -5.86
C ILE B 57 -22.30 -23.49 -7.31
N SER B 58 -23.56 -23.50 -7.75
CA SER B 58 -23.86 -23.89 -9.10
C SER B 58 -24.68 -22.88 -9.87
N GLY B 59 -24.50 -22.87 -11.19
CA GLY B 59 -25.25 -21.98 -12.05
C GLY B 59 -26.41 -22.77 -12.62
N PRO B 60 -26.64 -22.72 -13.94
CA PRO B 60 -25.84 -21.97 -14.93
C PRO B 60 -26.03 -20.47 -14.82
N GLY B 61 -25.01 -19.71 -15.22
CA GLY B 61 -25.11 -18.26 -15.18
C GLY B 61 -25.15 -17.65 -13.79
N CYS B 62 -24.74 -18.42 -12.78
CA CYS B 62 -24.71 -17.92 -11.42
C CYS B 62 -23.64 -16.83 -11.34
N LYS B 63 -24.00 -15.69 -10.76
CA LYS B 63 -23.07 -14.55 -10.63
C LYS B 63 -22.93 -14.15 -9.18
N ILE B 64 -21.68 -14.13 -8.70
CA ILE B 64 -21.40 -13.79 -7.32
C ILE B 64 -20.33 -12.69 -7.20
N SER B 65 -20.61 -11.68 -6.39
CA SER B 65 -19.66 -10.60 -6.21
C SER B 65 -19.50 -10.19 -4.77
N THR B 66 -18.27 -10.16 -4.32
CA THR B 66 -17.98 -9.73 -2.96
C THR B 66 -18.89 -10.39 -1.94
N CYS B 67 -18.82 -11.71 -1.86
CA CYS B 67 -19.63 -12.44 -0.87
C CYS B 67 -18.74 -13.43 -0.17
N ILE B 68 -19.18 -13.85 1.01
CA ILE B 68 -18.47 -14.89 1.74
C ILE B 68 -19.44 -16.07 1.79
N ILE B 69 -19.02 -17.20 1.23
CA ILE B 69 -19.83 -18.39 1.23
C ILE B 69 -19.13 -19.44 2.08
N THR B 70 -19.75 -19.77 3.21
CA THR B 70 -19.20 -20.76 4.14
C THR B 70 -20.15 -21.93 4.35
N GLY B 71 -19.64 -23.14 4.10
CA GLY B 71 -20.45 -24.33 4.28
C GLY B 71 -21.77 -24.25 3.55
N GLY B 72 -21.74 -23.73 2.32
CA GLY B 72 -22.97 -23.61 1.56
C GLY B 72 -23.89 -22.49 1.97
N VAL B 73 -23.41 -21.55 2.79
CA VAL B 73 -24.25 -20.45 3.22
C VAL B 73 -23.65 -19.08 2.90
N PRO B 74 -24.30 -18.32 2.00
CA PRO B 74 -23.79 -17.00 1.64
C PRO B 74 -24.29 -15.97 2.65
N ALA B 75 -23.37 -15.31 3.33
CA ALA B 75 -23.76 -14.31 4.31
C ALA B 75 -24.42 -13.12 3.61
N PRO B 76 -25.48 -12.57 4.24
CA PRO B 76 -26.17 -11.42 3.64
C PRO B 76 -25.25 -10.22 3.81
N SER B 77 -25.13 -9.40 2.78
CA SER B 77 -24.26 -8.24 2.85
C SER B 77 -24.64 -7.19 1.83
N ALA B 78 -24.63 -5.93 2.27
CA ALA B 78 -24.97 -4.82 1.38
C ALA B 78 -24.08 -4.89 0.15
N ALA B 79 -22.89 -5.46 0.31
CA ALA B 79 -21.94 -5.58 -0.79
C ALA B 79 -22.01 -6.95 -1.49
N CYS B 80 -22.64 -7.93 -0.86
CA CYS B 80 -22.74 -9.24 -1.48
C CYS B 80 -23.83 -9.25 -2.52
N LYS B 81 -23.43 -9.47 -3.77
CA LYS B 81 -24.33 -9.52 -4.91
C LYS B 81 -24.37 -10.93 -5.47
N ILE B 82 -25.55 -11.55 -5.43
CA ILE B 82 -25.74 -12.91 -5.92
C ILE B 82 -26.84 -12.94 -6.96
N SER B 83 -26.70 -13.81 -7.97
CA SER B 83 -27.71 -13.91 -9.01
C SER B 83 -27.69 -15.24 -9.77
N GLY B 84 -28.82 -15.94 -9.73
CA GLY B 84 -28.94 -17.21 -10.42
C GLY B 84 -28.01 -18.26 -9.84
N CYS B 85 -27.87 -18.28 -8.52
CA CYS B 85 -26.99 -19.24 -7.86
C CYS B 85 -27.69 -20.22 -6.95
N THR B 86 -27.17 -21.44 -6.90
CA THR B 86 -27.72 -22.44 -5.99
C THR B 86 -26.59 -22.76 -5.01
N PHE B 87 -26.92 -22.81 -3.73
CA PHE B 87 -25.92 -23.07 -2.70
C PHE B 87 -26.09 -24.34 -1.86
N SER B 88 -24.97 -25.05 -1.69
CA SER B 88 -24.98 -26.28 -0.91
C SER B 88 -23.64 -26.51 -0.21
N ALA B 89 -23.68 -27.20 0.93
CA ALA B 89 -22.47 -27.50 1.68
C ALA B 89 -21.58 -28.48 0.92
N ASN B 90 -20.27 -28.35 1.12
CA ASN B 90 -19.35 -29.24 0.46
C ASN B 90 -18.44 -29.83 1.50
N SER C 3 15.59 4.94 -15.92
CA SER C 3 15.59 6.35 -15.42
C SER C 3 14.79 6.45 -14.12
N CYS C 4 14.59 5.31 -13.47
CA CYS C 4 13.86 5.30 -12.21
C CYS C 4 14.77 4.88 -11.06
N THR C 5 15.42 5.86 -10.45
CA THR C 5 16.32 5.60 -9.34
C THR C 5 15.54 5.11 -8.12
N ASN C 6 15.74 3.85 -7.77
CA ASN C 6 15.03 3.22 -6.67
C ASN C 6 15.93 2.92 -5.47
N THR C 7 15.47 3.33 -4.28
CA THR C 7 16.23 3.04 -3.06
C THR C 7 15.25 2.46 -2.04
N ASN C 8 15.33 1.15 -1.82
CA ASN C 8 14.46 0.47 -0.87
C ASN C 8 13.00 0.82 -1.13
N SER C 9 12.61 0.83 -2.40
CA SER C 9 11.23 1.11 -2.79
C SER C 9 10.65 -0.10 -3.52
N GLN C 10 9.34 -0.18 -3.57
CA GLN C 10 8.68 -1.29 -4.27
C GLN C 10 7.55 -0.81 -5.16
N LEU C 11 7.64 -1.16 -6.44
CA LEU C 11 6.62 -0.78 -7.42
C LEU C 11 5.79 -1.99 -7.84
N SER C 12 4.49 -1.80 -7.97
CA SER C 12 3.63 -2.89 -8.42
C SER C 12 4.01 -3.09 -9.88
N ALA C 13 4.02 -4.33 -10.35
CA ALA C 13 4.37 -4.60 -11.74
C ALA C 13 3.49 -3.78 -12.67
N ASN C 14 2.38 -3.32 -12.11
CA ASN C 14 1.38 -2.53 -12.81
C ASN C 14 1.66 -1.02 -12.79
N SER C 15 2.85 -0.62 -12.32
CA SER C 15 3.20 0.80 -12.24
C SER C 15 4.34 1.23 -13.17
N LYS C 16 4.35 2.53 -13.46
CA LYS C 16 5.39 3.11 -14.32
C LYS C 16 6.15 4.23 -13.62
N CYS C 17 7.47 4.15 -13.65
CA CYS C 17 8.32 5.14 -13.00
C CYS C 17 9.38 5.63 -13.97
N GLU C 18 9.20 6.84 -14.50
CA GLU C 18 10.13 7.41 -15.47
C GLU C 18 10.76 8.71 -14.96
N LYS C 19 12.07 8.82 -15.10
CA LYS C 19 12.81 10.00 -14.66
C LYS C 19 12.29 10.45 -13.31
N SER C 20 12.21 9.50 -12.38
CA SER C 20 11.74 9.75 -11.03
C SER C 20 12.68 9.05 -10.05
N THR C 21 12.57 9.44 -8.78
CA THR C 21 13.40 8.87 -7.72
C THR C 21 12.47 8.37 -6.63
N LEU C 22 12.66 7.12 -6.21
CA LEU C 22 11.84 6.56 -5.14
C LEU C 22 12.73 6.11 -4.01
N THR C 23 12.51 6.67 -2.83
CA THR C 23 13.29 6.33 -1.64
C THR C 23 12.33 5.90 -0.54
N ASN C 24 12.38 4.61 -0.20
CA ASN C 24 11.51 4.06 0.83
C ASN C 24 10.04 4.39 0.49
N CYS C 25 9.69 4.16 -0.77
CA CYS C 25 8.33 4.41 -1.26
C CYS C 25 7.64 3.12 -1.73
N TYI C 26 6.31 3.16 -1.74
CA TYI C 26 5.50 2.04 -2.22
CB TYI C 26 4.64 1.45 -1.10
CG TYI C 26 3.60 0.47 -1.63
CD1 TYI C 26 3.96 -0.63 -2.41
CE1 TYI C 26 2.99 -1.49 -2.95
CD2 TYI C 26 2.25 0.68 -1.39
CE2 TYI C 26 1.29 -0.17 -1.92
CZ TYI C 26 1.66 -1.25 -2.70
OH TYI C 26 0.69 -2.08 -3.19
C TYI C 26 4.60 2.61 -3.31
O TYI C 26 3.74 3.45 -3.03
I1 TYI C 26 3.55 -3.05 -4.18
I2 TYI C 26 -0.68 0.24 -1.59
N VAL C 27 4.81 2.17 -4.54
CA VAL C 27 4.05 2.65 -5.69
C VAL C 27 3.13 1.57 -6.29
N ASP C 28 1.82 1.79 -6.21
CA ASP C 28 0.87 0.82 -6.74
C ASP C 28 -0.12 1.34 -7.78
N LYS C 29 -0.13 0.72 -8.96
CA LYS C 29 -1.03 1.13 -10.03
C LYS C 29 -0.84 2.62 -10.21
N SER C 30 0.39 3.04 -10.46
CA SER C 30 0.65 4.45 -10.60
C SER C 30 1.60 4.82 -11.71
N GLU C 31 1.41 6.04 -12.22
CA GLU C 31 2.24 6.60 -13.28
C GLU C 31 3.01 7.73 -12.62
N VAL C 32 4.29 7.50 -12.35
CA VAL C 32 5.12 8.51 -11.71
C VAL C 32 6.20 8.97 -12.69
N PHE C 33 6.07 10.22 -13.13
CA PHE C 33 6.98 10.84 -14.10
C PHE C 33 7.63 12.10 -13.55
N GLY C 34 8.95 12.21 -13.73
CA GLY C 34 9.70 13.37 -13.28
C GLY C 34 9.35 13.75 -11.86
N THR C 35 9.24 12.75 -10.98
CA THR C 35 8.85 13.00 -9.60
C THR C 35 9.80 12.39 -8.58
N THR C 36 9.82 13.01 -7.41
CA THR C 36 10.64 12.55 -6.31
C THR C 36 9.73 12.03 -5.22
N CYS C 37 10.01 10.81 -4.78
CA CYS C 37 9.20 10.18 -3.76
C CYS C 37 10.04 9.80 -2.55
N THR C 38 9.56 10.15 -1.36
CA THR C 38 10.29 9.82 -0.14
C THR C 38 9.33 9.37 0.96
N GLY C 39 9.50 8.13 1.42
CA GLY C 39 8.64 7.63 2.49
C GLY C 39 7.16 7.83 2.22
N SER C 40 6.74 7.64 0.97
CA SER C 40 5.35 7.81 0.59
C SER C 40 4.73 6.56 -0.02
N ARG C 41 3.40 6.51 -0.01
CA ARG C 41 2.68 5.38 -0.59
C ARG C 41 1.76 5.88 -1.69
N PHE C 42 1.93 5.35 -2.90
CA PHE C 42 1.10 5.77 -4.04
C PHE C 42 0.17 4.65 -4.50
N ASP C 43 -1.12 4.92 -4.57
CA ASP C 43 -2.10 3.92 -4.99
C ASP C 43 -3.12 4.48 -5.99
N GLY C 44 -3.02 4.04 -7.24
CA GLY C 44 -3.95 4.50 -8.27
C GLY C 44 -3.81 5.98 -8.50
N VAL C 45 -2.59 6.40 -8.84
CA VAL C 45 -2.36 7.80 -9.07
C VAL C 45 -1.38 8.09 -10.19
N THR C 46 -1.61 9.20 -10.87
CA THR C 46 -0.75 9.67 -11.95
C THR C 46 -0.15 10.97 -11.42
N ILE C 47 1.14 10.95 -11.19
CA ILE C 47 1.83 12.10 -10.63
C ILE C 47 3.04 12.49 -11.47
N THR C 48 3.09 13.75 -11.86
CA THR C 48 4.19 14.22 -12.67
C THR C 48 4.81 15.50 -12.13
N THR C 49 6.12 15.62 -12.32
CA THR C 49 6.86 16.81 -11.90
C THR C 49 6.44 17.26 -10.51
N SER C 50 6.49 16.33 -9.56
CA SER C 50 6.08 16.63 -8.21
C SER C 50 7.01 15.98 -7.19
N THR C 51 6.79 16.34 -5.93
CA THR C 51 7.57 15.77 -4.84
C THR C 51 6.60 15.31 -3.77
N SER C 52 6.88 14.16 -3.17
CA SER C 52 6.01 13.62 -2.12
C SER C 52 6.84 13.09 -0.96
N THR C 53 6.62 13.64 0.23
CA THR C 53 7.36 13.21 1.41
C THR C 53 6.45 12.77 2.55
N GLY C 54 6.71 11.59 3.09
CA GLY C 54 5.92 11.06 4.19
C GLY C 54 4.41 11.22 3.97
N SER C 55 3.96 10.97 2.75
CA SER C 55 2.55 11.11 2.43
C SER C 55 1.92 9.88 1.79
N ARG C 56 0.60 9.79 1.93
CA ARG C 56 -0.17 8.71 1.33
C ARG C 56 -1.08 9.35 0.30
N ILE C 57 -0.99 8.88 -0.95
CA ILE C 57 -1.82 9.43 -2.00
C ILE C 57 -2.56 8.29 -2.71
N SER C 58 -3.87 8.45 -2.85
CA SER C 58 -4.69 7.42 -3.49
C SER C 58 -5.85 7.99 -4.31
N GLY C 59 -6.27 7.21 -5.30
CA GLY C 59 -7.38 7.61 -6.15
C GLY C 59 -8.60 6.75 -5.89
N PRO C 60 -8.99 5.88 -6.84
CA PRO C 60 -8.28 5.70 -8.11
C PRO C 60 -8.50 6.91 -9.03
N GLY C 61 -7.74 6.97 -10.11
CA GLY C 61 -7.88 8.08 -11.02
C GLY C 61 -7.36 9.38 -10.43
N CYS C 62 -6.47 9.26 -9.46
CA CYS C 62 -5.88 10.44 -8.83
C CYS C 62 -4.86 11.03 -9.80
N LYS C 63 -4.94 12.34 -10.01
CA LYS C 63 -4.03 13.02 -10.92
C LYS C 63 -3.39 14.23 -10.26
N ILE C 64 -2.07 14.21 -10.17
CA ILE C 64 -1.33 15.31 -9.55
C ILE C 64 -0.28 15.84 -10.52
N SER C 65 -0.25 17.16 -10.68
CA SER C 65 0.70 17.80 -11.58
C SER C 65 1.43 18.95 -10.89
N THR C 66 2.75 18.85 -10.88
CA THR C 66 3.62 19.87 -10.29
C THR C 66 3.20 20.27 -8.89
N CYS C 67 3.27 19.33 -7.95
CA CYS C 67 2.90 19.63 -6.58
C CYS C 67 3.95 19.12 -5.61
N ILE C 68 3.85 19.59 -4.38
CA ILE C 68 4.74 19.18 -3.31
C ILE C 68 3.82 18.75 -2.18
N ILE C 69 3.87 17.47 -1.85
CA ILE C 69 3.05 16.92 -0.78
C ILE C 69 3.93 16.50 0.38
N THR C 70 3.59 16.96 1.58
CA THR C 70 4.37 16.61 2.77
C THR C 70 3.40 16.28 3.92
N GLY C 71 3.72 15.24 4.68
CA GLY C 71 2.85 14.85 5.78
C GLY C 71 1.39 14.78 5.38
N GLY C 72 1.14 14.36 4.14
CA GLY C 72 -0.22 14.23 3.66
C GLY C 72 -0.87 15.51 3.18
N VAL C 73 -0.18 16.63 3.27
CA VAL C 73 -0.77 17.88 2.82
C VAL C 73 -0.01 18.52 1.67
N PRO C 74 -0.71 18.82 0.56
CA PRO C 74 -0.11 19.45 -0.62
C PRO C 74 0.17 20.92 -0.33
N ALA C 75 1.30 21.41 -0.82
CA ALA C 75 1.66 22.80 -0.61
C ALA C 75 0.86 23.72 -1.53
N PRO C 76 0.39 24.85 -0.99
CA PRO C 76 -0.39 25.84 -1.75
C PRO C 76 0.47 26.34 -2.92
N SER C 77 0.01 26.11 -4.14
CA SER C 77 0.77 26.51 -5.32
C SER C 77 -0.12 26.76 -6.54
N ALA C 78 0.06 27.92 -7.17
CA ALA C 78 -0.73 28.28 -8.33
C ALA C 78 -0.49 27.33 -9.50
N ALA C 79 0.61 26.60 -9.44
CA ALA C 79 0.96 25.64 -10.49
C ALA C 79 0.55 24.20 -10.18
N CYS C 80 0.19 23.93 -8.92
CA CYS C 80 -0.21 22.58 -8.51
C CYS C 80 -1.65 22.26 -8.88
N LYS C 81 -1.82 21.25 -9.72
CA LYS C 81 -3.14 20.81 -10.13
C LYS C 81 -3.40 19.42 -9.59
N ILE C 82 -4.52 19.23 -8.89
CA ILE C 82 -4.87 17.94 -8.33
C ILE C 82 -6.28 17.54 -8.73
N SER C 83 -6.50 16.24 -8.94
CA SER C 83 -7.79 15.71 -9.35
C SER C 83 -8.09 14.32 -8.78
N GLY C 84 -9.23 14.21 -8.11
CA GLY C 84 -9.65 12.95 -7.53
C GLY C 84 -8.61 12.22 -6.70
N CYS C 85 -8.14 12.88 -5.65
CA CYS C 85 -7.14 12.29 -4.77
C CYS C 85 -7.52 12.46 -3.30
N THR C 86 -7.05 11.52 -2.49
CA THR C 86 -7.28 11.58 -1.06
C THR C 86 -5.88 11.48 -0.45
N PHE C 87 -5.56 12.43 0.42
CA PHE C 87 -4.26 12.47 1.05
C PHE C 87 -4.30 12.21 2.53
N SER C 88 -3.21 11.62 3.02
CA SER C 88 -3.06 11.29 4.42
C SER C 88 -1.56 11.23 4.71
N ALA C 89 -1.20 11.34 5.98
CA ALA C 89 0.21 11.28 6.38
C ALA C 89 0.67 9.85 6.39
N ASN C 90 1.94 9.62 6.07
CA ASN C 90 2.46 8.27 6.07
C ASN C 90 3.56 8.17 7.12
N SER D 3 20.48 3.44 2.57
CA SER D 3 19.16 3.93 3.10
C SER D 3 18.68 5.22 2.44
N CYS D 4 19.60 5.94 1.83
CA CYS D 4 19.26 7.20 1.18
C CYS D 4 19.59 7.22 -0.30
N THR D 5 18.86 8.04 -1.05
CA THR D 5 19.19 8.19 -2.46
C THR D 5 20.00 9.48 -2.54
N ASN D 6 21.30 9.35 -2.81
CA ASN D 6 22.14 10.52 -2.92
C ASN D 6 22.34 10.84 -4.39
N THR D 7 21.75 11.94 -4.83
CA THR D 7 21.91 12.35 -6.20
C THR D 7 22.69 13.65 -6.23
N ASN D 8 23.99 13.53 -6.43
CA ASN D 8 24.86 14.69 -6.52
C ASN D 8 24.75 15.61 -5.31
N SER D 9 24.96 15.05 -4.13
CA SER D 9 24.88 15.84 -2.90
C SER D 9 26.12 15.62 -2.06
N GLN D 10 26.54 16.65 -1.33
CA GLN D 10 27.72 16.53 -0.51
C GLN D 10 27.38 16.47 0.99
N LEU D 11 27.81 15.40 1.67
CA LEU D 11 27.58 15.25 3.10
C LEU D 11 28.88 15.32 3.89
N SER D 12 28.89 16.09 4.97
CA SER D 12 30.07 16.22 5.81
C SER D 12 30.28 14.89 6.51
N ALA D 13 31.49 14.67 6.99
CA ALA D 13 31.83 13.43 7.66
C ALA D 13 30.97 13.06 8.87
N ASN D 14 30.44 14.05 9.58
CA ASN D 14 29.66 13.73 10.76
C ASN D 14 28.16 13.78 10.54
N SER D 15 27.76 14.14 9.32
CA SER D 15 26.34 14.22 8.99
C SER D 15 25.73 12.83 8.81
N LYS D 16 24.42 12.73 9.01
CA LYS D 16 23.74 11.44 8.88
C LYS D 16 22.45 11.52 8.09
N CYS D 17 22.30 10.60 7.14
CA CYS D 17 21.12 10.53 6.29
C CYS D 17 20.45 9.19 6.48
N GLU D 18 19.12 9.23 6.54
CA GLU D 18 18.32 8.02 6.70
C GLU D 18 17.03 8.14 5.91
N LYS D 19 16.77 7.12 5.10
CA LYS D 19 15.55 7.05 4.30
C LYS D 19 15.16 8.40 3.73
N SER D 20 16.12 9.11 3.13
CA SER D 20 15.82 10.41 2.58
C SER D 20 16.31 10.52 1.16
N THR D 21 15.75 11.48 0.42
CA THR D 21 16.18 11.73 -0.94
C THR D 21 16.98 13.04 -0.93
N LEU D 22 18.25 12.98 -1.34
CA LEU D 22 19.11 14.16 -1.39
C LEU D 22 19.52 14.44 -2.82
N THR D 23 19.02 15.53 -3.37
CA THR D 23 19.31 15.92 -4.74
C THR D 23 19.92 17.31 -4.81
N ASN D 24 21.19 17.37 -5.17
CA ASN D 24 21.92 18.63 -5.29
C ASN D 24 21.85 19.40 -3.97
N CYS D 25 22.13 18.69 -2.89
CA CYS D 25 22.11 19.23 -1.55
C CYS D 25 23.48 19.18 -0.90
N TYI D 26 23.73 20.15 -0.03
CA TYI D 26 24.97 20.21 0.74
CB TYI D 26 25.75 21.53 0.52
CG TYI D 26 26.83 21.71 1.56
CD1 TYI D 26 27.83 20.76 1.71
CE1 TYI D 26 28.80 20.87 2.70
CD2 TYI D 26 26.81 22.80 2.42
CE2 TYI D 26 27.77 22.95 3.42
CZ TYI D 26 28.77 21.98 3.56
OH TYI D 26 29.72 22.12 4.54
C TYI D 26 24.50 20.13 2.18
O TYI D 26 23.75 20.99 2.64
I1 TYI D 26 30.19 19.38 2.90
I2 TYI D 26 27.62 24.58 4.70
N VAL D 27 24.95 19.08 2.85
CA VAL D 27 24.58 18.81 4.22
C VAL D 27 25.77 18.82 5.16
N ASP D 28 25.76 19.74 6.12
CA ASP D 28 26.88 19.85 7.06
C ASP D 28 26.46 19.66 8.50
N LYS D 29 27.19 18.78 9.19
CA LYS D 29 26.91 18.43 10.59
C LYS D 29 25.42 18.45 10.87
N SER D 30 24.69 17.68 10.07
CA SER D 30 23.25 17.59 10.18
C SER D 30 22.74 16.14 10.14
N GLU D 31 21.48 15.99 10.51
CA GLU D 31 20.82 14.69 10.51
C GLU D 31 19.60 14.87 9.64
N VAL D 32 19.45 13.99 8.65
CA VAL D 32 18.32 14.06 7.74
C VAL D 32 17.61 12.70 7.74
N PHE D 33 16.39 12.71 8.25
CA PHE D 33 15.57 11.50 8.39
C PHE D 33 14.27 11.60 7.61
N GLY D 34 14.06 10.64 6.71
CA GLY D 34 12.85 10.59 5.91
C GLY D 34 12.48 11.93 5.34
N THR D 35 13.44 12.55 4.69
CA THR D 35 13.21 13.86 4.13
C THR D 35 13.59 13.95 2.67
N THR D 36 12.98 14.90 1.98
CA THR D 36 13.30 15.16 0.59
C THR D 36 14.08 16.48 0.56
N CYS D 37 15.36 16.41 0.20
CA CYS D 37 16.22 17.59 0.11
C CYS D 37 16.49 17.89 -1.35
N THR D 38 16.02 19.04 -1.83
CA THR D 38 16.22 19.42 -3.23
C THR D 38 16.88 20.79 -3.36
N GLY D 39 18.10 20.81 -3.89
CA GLY D 39 18.85 22.07 -4.07
C GLY D 39 18.88 22.95 -2.85
N SER D 40 19.19 22.36 -1.70
CA SER D 40 19.22 23.09 -0.46
C SER D 40 20.52 22.89 0.29
N ARG D 41 20.71 23.70 1.33
CA ARG D 41 21.91 23.57 2.16
C ARG D 41 21.48 23.47 3.61
N PHE D 42 22.11 22.56 4.33
CA PHE D 42 21.84 22.33 5.73
C PHE D 42 23.13 22.38 6.48
N ASP D 43 23.11 23.05 7.63
CA ASP D 43 24.27 23.16 8.51
C ASP D 43 23.74 23.22 9.94
N GLY D 44 24.03 22.20 10.73
CA GLY D 44 23.55 22.19 12.10
C GLY D 44 22.05 22.01 12.20
N VAL D 45 21.50 21.13 11.37
CA VAL D 45 20.07 20.90 11.42
C VAL D 45 19.73 19.42 11.59
N THR D 46 18.63 19.16 12.29
CA THR D 46 18.11 17.81 12.48
C THR D 46 16.71 17.96 11.89
N ILE D 47 16.54 17.45 10.68
CA ILE D 47 15.28 17.58 9.99
C ILE D 47 14.62 16.21 9.76
N THR D 48 13.34 16.12 10.11
CA THR D 48 12.60 14.87 9.99
C THR D 48 11.35 14.98 9.13
N THR D 49 11.17 13.97 8.28
CA THR D 49 10.02 13.89 7.39
C THR D 49 9.55 15.23 6.89
N SER D 50 10.43 15.95 6.21
CA SER D 50 10.07 17.26 5.67
C SER D 50 10.50 17.36 4.22
N THR D 51 10.14 18.47 3.60
CA THR D 51 10.52 18.74 2.24
C THR D 51 11.17 20.12 2.17
N SER D 52 12.45 20.13 1.79
CA SER D 52 13.20 21.37 1.65
C SER D 52 13.59 21.57 0.20
N THR D 53 13.05 22.61 -0.41
CA THR D 53 13.32 22.92 -1.80
C THR D 53 13.99 24.28 -1.94
N GLY D 54 15.19 24.27 -2.53
CA GLY D 54 15.95 25.49 -2.75
C GLY D 54 15.96 26.43 -1.57
N SER D 55 16.38 25.91 -0.42
CA SER D 55 16.44 26.69 0.82
C SER D 55 17.74 26.42 1.55
N ARG D 56 18.12 27.39 2.38
CA ARG D 56 19.29 27.27 3.24
C ARG D 56 18.73 27.23 4.66
N ILE D 57 19.13 26.20 5.39
CA ILE D 57 18.66 26.01 6.75
C ILE D 57 19.86 25.75 7.63
N SER D 58 19.97 26.49 8.72
CA SER D 58 21.10 26.28 9.59
C SER D 58 20.74 26.45 11.05
N GLY D 59 21.60 25.90 11.89
CA GLY D 59 21.42 26.01 13.32
C GLY D 59 22.60 26.83 13.79
N PRO D 60 23.47 26.27 14.63
CA PRO D 60 23.37 24.89 15.12
C PRO D 60 22.12 24.72 15.96
N GLY D 61 21.83 23.49 16.37
CA GLY D 61 20.68 23.24 17.20
C GLY D 61 19.34 23.35 16.50
N CYS D 62 19.36 23.60 15.19
CA CYS D 62 18.12 23.71 14.43
C CYS D 62 17.41 22.34 14.40
N LYS D 63 16.13 22.35 14.75
CA LYS D 63 15.34 21.13 14.74
C LYS D 63 14.08 21.40 13.97
N ILE D 64 13.78 20.53 13.02
CA ILE D 64 12.61 20.67 12.17
C ILE D 64 11.89 19.33 11.98
N SER D 65 10.57 19.35 12.10
CA SER D 65 9.76 18.15 11.93
C SER D 65 8.53 18.39 11.08
N THR D 66 8.35 17.54 10.08
CA THR D 66 7.22 17.59 9.17
C THR D 66 6.84 19.00 8.71
N CYS D 67 7.79 19.63 8.01
CA CYS D 67 7.57 20.96 7.47
C CYS D 67 7.93 21.00 5.99
N ILE D 68 7.40 22.00 5.30
CA ILE D 68 7.77 22.18 3.92
C ILE D 68 8.41 23.57 3.86
N ILE D 69 9.69 23.59 3.53
CA ILE D 69 10.42 24.83 3.42
C ILE D 69 10.76 25.01 1.93
N THR D 70 10.19 26.05 1.34
CA THR D 70 10.40 26.32 -0.07
C THR D 70 11.03 27.69 -0.28
N GLY D 71 12.21 27.69 -0.88
CA GLY D 71 12.90 28.95 -1.15
C GLY D 71 13.08 29.77 0.11
N GLY D 72 13.43 29.10 1.20
CA GLY D 72 13.67 29.79 2.45
C GLY D 72 12.47 30.09 3.33
N VAL D 73 11.28 29.77 2.86
CA VAL D 73 10.11 30.04 3.69
C VAL D 73 9.44 28.76 4.20
N PRO D 74 9.46 28.57 5.52
CA PRO D 74 8.84 27.39 6.14
C PRO D 74 7.36 27.71 6.26
N ALA D 75 6.53 26.88 5.67
CA ALA D 75 5.09 27.10 5.71
C ALA D 75 4.49 26.72 7.05
N PRO D 76 3.48 27.48 7.51
CA PRO D 76 2.81 27.21 8.79
C PRO D 76 1.99 25.94 8.64
N SER D 77 1.94 25.14 9.70
CA SER D 77 1.17 23.91 9.66
C SER D 77 1.01 23.37 11.07
N ALA D 78 -0.05 22.61 11.28
CA ALA D 78 -0.30 22.02 12.58
C ALA D 78 0.85 21.06 12.88
N ALA D 79 1.25 20.32 11.85
CA ALA D 79 2.32 19.35 11.97
C ALA D 79 3.73 19.94 11.98
N CYS D 80 3.92 21.05 11.28
CA CYS D 80 5.25 21.65 11.21
C CYS D 80 5.80 22.23 12.50
N LYS D 81 6.85 21.60 13.02
CA LYS D 81 7.50 22.06 14.24
C LYS D 81 8.91 22.47 13.90
N ILE D 82 9.30 23.65 14.37
CA ILE D 82 10.62 24.20 14.12
C ILE D 82 11.22 24.78 15.40
N SER D 83 12.51 24.58 15.59
CA SER D 83 13.17 25.07 16.77
C SER D 83 14.64 25.47 16.54
N GLY D 84 14.94 26.76 16.74
CA GLY D 84 16.28 27.27 16.59
C GLY D 84 16.87 27.22 15.19
N CYS D 85 16.12 27.69 14.19
CA CYS D 85 16.60 27.67 12.82
C CYS D 85 16.54 29.04 12.14
N THR D 86 17.51 29.31 11.27
CA THR D 86 17.52 30.54 10.51
C THR D 86 17.33 30.10 9.05
N PHE D 87 16.39 30.70 8.36
CA PHE D 87 16.12 30.31 6.98
C PHE D 87 16.51 31.32 5.92
N SER D 88 16.82 30.81 4.72
CA SER D 88 17.21 31.66 3.61
C SER D 88 17.03 30.89 2.30
N ALA D 89 17.04 31.61 1.18
CA ALA D 89 16.89 31.01 -0.15
C ALA D 89 18.21 30.50 -0.69
N ASN D 90 18.14 29.46 -1.51
CA ASN D 90 19.34 28.89 -2.12
C ASN D 90 19.10 28.68 -3.60
CD CD E . 27.90 21.27 16.60
CD CD F . 31.62 17.69 10.20
#